data_4Q9Q
#
_entry.id   4Q9Q
#
_cell.length_a   146.545
_cell.length_b   79.676
_cell.length_c   95.280
_cell.angle_alpha   90.00
_cell.angle_beta   111.51
_cell.angle_gamma   90.00
#
_symmetry.space_group_name_H-M   'C 1 2 1'
#
loop_
_entity.id
_entity.type
_entity.pdbx_description
1 polymer 'Fab BL3-6, HEAVY CHAIN'
2 polymer 'Fab BL3-6, LIGHT CHAIN'
3 polymer 'Spinach RNA aptamer'
4 non-polymer 'MAGNESIUM ION'
5 non-polymer 'POTASSIUM ION'
6 non-polymer (5Z)-5-(3-bromobenzylidene)-2,3-dimethyl-3,5-dihydro-4H-imidazol-4-one
7 water water
#
loop_
_entity_poly.entity_id
_entity_poly.type
_entity_poly.pdbx_seq_one_letter_code
_entity_poly.pdbx_strand_id
1 'polypeptide(L)'
;EVQLVESGGGLVQPGGSLRLSCAASGFYISYSSIHWVRQAPGKGLEWVASISPYSGSTYYADSVKGRFTISADTSKNTAY
LQMNSLRAEDTAVYYCARQGYRRRSGRGFDYWGQGTLVTVSSASTKGPSVFPLAPSSKSTSGGTAALGCLVKDYFPEPVT
VSWNSGALTSGVHTFPAVLQSSGLYSLSSVVTVPSSSLGTQTYICNVNHKPSNTKVDKKVEPKSC
;
H
2 'polypeptide(L)'
;SDIQMTQSPSSLSASVGDRVTITCRASQSVSSAVAWYQQKPGKAPKLLIYSASSLYSGVPSRFSGSRSGTDFTLTISSLQ
PEDFATYYCQQSYSFPSTFGQGTKVEIKRTVAAPSVFIFPPSDEQLKSGTASVVCLLNNFYPREAKVQWKVDNALQSGNS
QESVTEQDSKDSTYSLSSTLTLSKADYEKHKVYACEVTHQGLSSPVTKSFNRGEC
;
L
3 'polyribonucleotide'
;(GDP)GACGCGACCGAAAUGGUGAAGGACGGGUCCAGUGCGAAACACGCACUGUUGAGUAGAGUGUGAGCUCCGUAACUG
GUCGCGUC
;
R
#
loop_
_chem_comp.id
_chem_comp.type
_chem_comp.name
_chem_comp.formula
2ZZ non-polymer (5Z)-5-(3-bromobenzylidene)-2,3-dimethyl-3,5-dihydro-4H-imidazol-4-one 'C12 H11 Br N2 O'
A RNA linking ADENOSINE-5'-MONOPHOSPHATE 'C10 H14 N5 O7 P'
C RNA linking CYTIDINE-5'-MONOPHOSPHATE 'C9 H14 N3 O8 P'
G RNA linking GUANOSINE-5'-MONOPHOSPHATE 'C10 H14 N5 O8 P'
GDP RNA linking GUANOSINE-5'-DIPHOSPHATE 'C10 H15 N5 O11 P2'
K non-polymer 'POTASSIUM ION' 'K 1'
MG non-polymer 'MAGNESIUM ION' 'Mg 2'
U RNA linking URIDINE-5'-MONOPHOSPHATE 'C9 H13 N2 O9 P'
#
# COMPACT_ATOMS: atom_id res chain seq x y z
N GLU A 1 -12.87 -23.43 5.67
CA GLU A 1 -12.15 -24.69 5.47
C GLU A 1 -11.17 -24.59 4.31
N VAL A 2 -11.62 -23.99 3.21
CA VAL A 2 -10.77 -23.80 2.03
C VAL A 2 -9.70 -22.75 2.29
N GLN A 3 -8.47 -23.03 1.89
CA GLN A 3 -7.36 -22.15 2.18
C GLN A 3 -6.19 -22.33 1.22
N LEU A 4 -5.54 -21.22 0.88
CA LEU A 4 -4.37 -21.21 0.01
C LEU A 4 -3.24 -20.45 0.68
N VAL A 5 -2.07 -21.08 0.79
CA VAL A 5 -0.92 -20.43 1.40
C VAL A 5 0.28 -20.39 0.45
N GLU A 6 0.64 -19.21 -0.01
CA GLU A 6 1.79 -19.06 -0.89
C GLU A 6 3.05 -18.82 -0.08
N SER A 7 4.15 -19.36 -0.56
CA SER A 7 5.46 -19.17 0.06
C SER A 7 6.56 -19.20 -0.99
N GLY A 8 7.78 -18.90 -0.58
CA GLY A 8 8.91 -18.91 -1.49
C GLY A 8 9.30 -17.53 -1.97
N GLY A 9 8.55 -16.52 -1.53
CA GLY A 9 8.83 -15.16 -1.91
C GLY A 9 10.03 -14.61 -1.16
N GLY A 10 10.66 -13.58 -1.71
CA GLY A 10 11.82 -12.97 -1.09
C GLY A 10 12.61 -12.09 -2.05
N LEU A 11 13.85 -11.82 -1.69
CA LEU A 11 14.71 -10.94 -2.49
C LEU A 11 15.51 -11.73 -3.54
N VAL A 12 15.48 -11.25 -4.78
CA VAL A 12 16.28 -11.85 -5.84
C VAL A 12 16.82 -10.76 -6.77
N GLN A 13 18.05 -10.96 -7.25
CA GLN A 13 18.66 -10.00 -8.16
C GLN A 13 18.05 -10.13 -9.54
N PRO A 14 18.10 -9.04 -10.33
CA PRO A 14 17.63 -9.06 -11.72
C PRO A 14 18.35 -10.13 -12.54
N GLY A 15 17.58 -10.90 -13.30
CA GLY A 15 18.13 -12.01 -14.06
C GLY A 15 18.11 -13.29 -13.25
N GLY A 16 17.82 -13.15 -11.95
CA GLY A 16 17.76 -14.29 -11.06
C GLY A 16 16.50 -15.11 -11.23
N SER A 17 16.43 -16.23 -10.51
CA SER A 17 15.26 -17.10 -10.55
C SER A 17 14.63 -17.25 -9.17
N LEU A 18 13.37 -17.64 -9.15
CA LEU A 18 12.63 -17.78 -7.90
C LEU A 18 11.38 -18.63 -8.13
N ARG A 19 11.13 -19.56 -7.21
CA ARG A 19 10.00 -20.47 -7.34
C ARG A 19 8.99 -20.32 -6.20
N LEU A 20 7.77 -19.92 -6.55
CA LEU A 20 6.73 -19.75 -5.54
C LEU A 20 5.91 -21.02 -5.37
N SER A 21 5.44 -21.24 -4.14
CA SER A 21 4.58 -22.38 -3.85
C SER A 21 3.17 -21.94 -3.47
N CYS A 22 2.18 -22.74 -3.83
CA CYS A 22 0.80 -22.48 -3.48
C CYS A 22 0.20 -23.73 -2.85
N ALA A 23 0.17 -23.76 -1.52
CA ALA A 23 -0.31 -24.93 -0.80
C ALA A 23 -1.79 -24.85 -0.50
N ALA A 24 -2.55 -25.73 -1.13
CA ALA A 24 -3.99 -25.78 -0.94
C ALA A 24 -4.37 -26.66 0.24
N SER A 25 -5.48 -26.32 0.89
CA SER A 25 -6.06 -27.16 1.92
C SER A 25 -7.56 -26.94 1.96
N GLY A 26 -8.31 -27.97 2.33
CA GLY A 26 -9.77 -27.89 2.34
C GLY A 26 -10.39 -28.24 0.99
N PHE A 27 -9.53 -28.55 0.02
CA PHE A 27 -9.96 -28.94 -1.31
C PHE A 27 -8.81 -29.56 -2.09
N TYR A 28 -9.12 -30.16 -3.24
CA TYR A 28 -8.12 -30.82 -4.07
C TYR A 28 -7.95 -30.05 -5.38
N ILE A 29 -6.74 -29.56 -5.64
CA ILE A 29 -6.50 -28.68 -6.78
C ILE A 29 -6.75 -29.36 -8.11
N SER A 30 -6.75 -30.68 -8.11
CA SER A 30 -6.93 -31.46 -9.33
C SER A 30 -8.30 -31.24 -9.96
N TYR A 31 -9.26 -30.77 -9.17
CA TYR A 31 -10.61 -30.52 -9.67
C TYR A 31 -10.85 -29.05 -10.02
N SER A 32 -9.80 -28.24 -9.94
CA SER A 32 -9.95 -26.80 -10.17
C SER A 32 -8.89 -26.25 -11.11
N SER A 33 -9.19 -25.09 -11.70
CA SER A 33 -8.17 -24.28 -12.32
C SER A 33 -7.48 -23.47 -11.23
N ILE A 34 -6.15 -23.38 -11.28
CA ILE A 34 -5.42 -22.58 -10.32
C ILE A 34 -4.73 -21.40 -11.00
N HIS A 35 -4.85 -20.21 -10.40
CA HIS A 35 -4.35 -18.99 -11.02
C HIS A 35 -3.29 -18.29 -10.18
N TRP A 36 -2.40 -17.57 -10.86
CA TRP A 36 -1.46 -16.66 -10.21
C TRP A 36 -1.78 -15.23 -10.61
N VAL A 37 -1.95 -14.37 -9.60
CA VAL A 37 -2.18 -12.96 -9.82
C VAL A 37 -1.22 -12.14 -8.96
N ARG A 38 -0.69 -11.06 -9.52
CA ARG A 38 0.28 -10.26 -8.77
C ARG A 38 -0.14 -8.79 -8.66
N GLN A 39 0.41 -8.12 -7.66
CA GLN A 39 0.06 -6.73 -7.39
C GLN A 39 1.29 -5.94 -6.97
N ALA A 40 1.83 -5.16 -7.89
CA ALA A 40 2.92 -4.25 -7.55
C ALA A 40 2.43 -3.26 -6.50
N PRO A 41 3.29 -2.92 -5.53
CA PRO A 41 2.90 -2.04 -4.42
C PRO A 41 2.27 -0.74 -4.92
N GLY A 42 1.07 -0.45 -4.43
CA GLY A 42 0.34 0.74 -4.82
C GLY A 42 -0.37 0.61 -6.15
N LYS A 43 -0.33 -0.57 -6.75
CA LYS A 43 -0.90 -0.77 -8.07
C LYS A 43 -2.07 -1.75 -8.05
N GLY A 44 -2.69 -1.96 -9.21
CA GLY A 44 -3.83 -2.84 -9.31
C GLY A 44 -3.46 -4.30 -9.48
N LEU A 45 -4.46 -5.15 -9.63
CA LEU A 45 -4.24 -6.59 -9.81
C LEU A 45 -3.82 -6.89 -11.24
N GLU A 46 -2.85 -7.77 -11.40
CA GLU A 46 -2.43 -8.18 -12.73
C GLU A 46 -2.41 -9.70 -12.83
N TRP A 47 -3.22 -10.25 -13.73
CA TRP A 47 -3.26 -11.69 -13.92
C TRP A 47 -1.94 -12.19 -14.51
N VAL A 48 -1.38 -13.24 -13.92
CA VAL A 48 -0.08 -13.75 -14.32
C VAL A 48 -0.15 -15.07 -15.10
N ALA A 49 -0.73 -16.10 -14.49
CA ALA A 49 -0.80 -17.41 -15.14
C ALA A 49 -1.87 -18.32 -14.54
N SER A 50 -2.22 -19.37 -15.27
CA SER A 50 -3.19 -20.33 -14.80
C SER A 50 -2.95 -21.72 -15.39
N ILE A 51 -3.46 -22.74 -14.72
CA ILE A 51 -3.34 -24.10 -15.21
C ILE A 51 -4.69 -24.80 -15.09
N SER A 52 -5.10 -25.45 -16.18
CA SER A 52 -6.42 -26.06 -16.24
C SER A 52 -6.41 -27.49 -15.72
N PRO A 53 -7.56 -27.95 -15.21
CA PRO A 53 -7.70 -29.33 -14.74
C PRO A 53 -7.86 -30.32 -15.89
N TYR A 54 -7.46 -31.57 -15.63
CA TYR A 54 -7.68 -32.67 -16.57
C TYR A 54 -6.82 -32.61 -17.82
N SER A 55 -6.56 -31.40 -18.31
CA SER A 55 -5.72 -31.22 -19.50
C SER A 55 -4.32 -30.78 -19.12
N GLY A 56 -4.21 -29.97 -18.08
CA GLY A 56 -2.93 -29.42 -17.68
C GLY A 56 -2.51 -28.29 -18.59
N SER A 57 -3.45 -27.77 -19.37
CA SER A 57 -3.19 -26.62 -20.22
C SER A 57 -2.78 -25.43 -19.36
N THR A 58 -1.79 -24.68 -19.84
CA THR A 58 -1.30 -23.53 -19.10
C THR A 58 -1.44 -22.27 -19.94
N TYR A 59 -1.75 -21.16 -19.29
CA TYR A 59 -1.85 -19.87 -19.97
C TYR A 59 -1.04 -18.83 -19.22
N TYR A 60 -0.52 -17.84 -19.96
CA TYR A 60 0.37 -16.86 -19.37
C TYR A 60 0.08 -15.45 -19.86
N ALA A 61 0.23 -14.48 -18.95
CA ALA A 61 0.17 -13.07 -19.34
C ALA A 61 1.33 -12.78 -20.27
N ASP A 62 1.10 -11.90 -21.25
CA ASP A 62 2.13 -11.55 -22.22
C ASP A 62 3.40 -11.04 -21.55
N SER A 63 3.26 -10.34 -20.43
CA SER A 63 4.39 -9.70 -19.77
C SER A 63 5.34 -10.69 -19.11
N VAL A 64 4.93 -11.95 -18.98
CA VAL A 64 5.76 -12.94 -18.31
C VAL A 64 5.95 -14.19 -19.15
N LYS A 65 5.40 -14.19 -20.36
CA LYS A 65 5.47 -15.35 -21.23
C LYS A 65 6.92 -15.65 -21.61
N GLY A 66 7.30 -16.92 -21.49
CA GLY A 66 8.65 -17.35 -21.83
C GLY A 66 9.60 -17.23 -20.65
N ARG A 67 9.12 -16.63 -19.57
CA ARG A 67 9.95 -16.46 -18.37
C ARG A 67 9.37 -17.23 -17.20
N PHE A 68 8.05 -17.29 -17.11
CA PHE A 68 7.37 -17.93 -16.00
C PHE A 68 6.79 -19.29 -16.38
N THR A 69 6.76 -20.21 -15.42
CA THR A 69 6.16 -21.52 -15.63
C THR A 69 5.28 -21.94 -14.45
N ILE A 70 4.00 -22.13 -14.72
CA ILE A 70 3.07 -22.59 -13.71
C ILE A 70 2.95 -24.11 -13.76
N SER A 71 2.85 -24.73 -12.60
CA SER A 71 2.71 -26.18 -12.51
C SER A 71 2.03 -26.59 -11.21
N ALA A 72 1.78 -27.88 -11.06
CA ALA A 72 1.07 -28.39 -9.90
C ALA A 72 1.54 -29.78 -9.51
N ASP A 73 1.63 -30.02 -8.20
CA ASP A 73 1.94 -31.33 -7.67
C ASP A 73 0.76 -31.83 -6.84
N THR A 74 -0.10 -32.63 -7.46
CA THR A 74 -1.29 -33.12 -6.78
C THR A 74 -0.94 -33.96 -5.56
N SER A 75 0.24 -34.58 -5.59
CA SER A 75 0.68 -35.40 -4.46
C SER A 75 0.93 -34.56 -3.22
N LYS A 76 1.22 -33.28 -3.41
CA LYS A 76 1.41 -32.36 -2.30
C LYS A 76 0.27 -31.37 -2.24
N ASN A 77 -0.66 -31.49 -3.19
CA ASN A 77 -1.79 -30.58 -3.31
C ASN A 77 -1.30 -29.14 -3.37
N THR A 78 -0.24 -28.94 -4.14
CA THR A 78 0.43 -27.65 -4.21
C THR A 78 0.65 -27.22 -5.65
N ALA A 79 0.51 -25.92 -5.91
CA ALA A 79 0.82 -25.35 -7.21
C ALA A 79 2.09 -24.54 -7.11
N TYR A 80 2.74 -24.27 -8.24
CA TYR A 80 4.01 -23.57 -8.24
C TYR A 80 4.11 -22.53 -9.35
N LEU A 81 4.92 -21.52 -9.10
CA LEU A 81 5.25 -20.54 -10.13
C LEU A 81 6.77 -20.42 -10.25
N GLN A 82 7.33 -21.00 -11.31
CA GLN A 82 8.76 -20.89 -11.56
C GLN A 82 9.04 -19.62 -12.34
N MET A 83 9.80 -18.71 -11.73
CA MET A 83 10.08 -17.42 -12.34
C MET A 83 11.56 -17.29 -12.71
N ASN A 84 11.83 -17.15 -14.00
CA ASN A 84 13.18 -16.96 -14.50
C ASN A 84 13.37 -15.58 -15.12
N SER A 85 14.62 -15.14 -15.21
CA SER A 85 14.94 -13.87 -15.83
C SER A 85 14.15 -12.73 -15.20
N LEU A 86 14.13 -12.72 -13.88
CA LEU A 86 13.32 -11.76 -13.13
C LEU A 86 13.79 -10.32 -13.38
N ARG A 87 12.84 -9.40 -13.41
CA ARG A 87 13.13 -7.99 -13.63
C ARG A 87 12.59 -7.15 -12.48
N ALA A 88 13.05 -5.91 -12.41
CA ALA A 88 12.61 -4.99 -11.38
C ALA A 88 11.09 -4.85 -11.35
N GLU A 89 10.48 -4.79 -12.54
CA GLU A 89 9.04 -4.59 -12.63
C GLU A 89 8.25 -5.86 -12.32
N ASP A 90 8.96 -6.93 -11.93
CA ASP A 90 8.30 -8.14 -11.49
C ASP A 90 8.05 -8.06 -9.98
N THR A 91 8.57 -6.99 -9.38
CA THR A 91 8.38 -6.77 -7.95
C THR A 91 6.91 -6.59 -7.62
N ALA A 92 6.40 -7.46 -6.75
CA ALA A 92 4.98 -7.43 -6.41
C ALA A 92 4.63 -8.43 -5.33
N VAL A 93 3.41 -8.32 -4.82
CA VAL A 93 2.84 -9.38 -4.01
C VAL A 93 2.22 -10.39 -4.96
N TYR A 94 2.58 -11.66 -4.79
CA TYR A 94 2.07 -12.70 -5.65
C TYR A 94 0.97 -13.51 -4.95
N TYR A 95 -0.22 -13.42 -5.50
CA TYR A 95 -1.35 -14.21 -5.01
C TYR A 95 -1.56 -15.44 -5.87
N CYS A 96 -1.91 -16.55 -5.25
CA CYS A 96 -2.49 -17.66 -6.00
C CYS A 96 -3.97 -17.72 -5.63
N ALA A 97 -4.80 -18.04 -6.61
CA ALA A 97 -6.24 -18.06 -6.38
C ALA A 97 -6.86 -19.30 -6.98
N ARG A 98 -7.93 -19.78 -6.37
CA ARG A 98 -8.69 -20.88 -6.93
C ARG A 98 -9.84 -20.37 -7.76
N GLN A 99 -9.91 -20.79 -9.02
CA GLN A 99 -11.11 -20.59 -9.82
C GLN A 99 -12.19 -21.52 -9.26
N GLY A 100 -13.32 -20.95 -8.88
CA GLY A 100 -14.38 -21.72 -8.25
C GLY A 100 -15.02 -22.75 -9.16
N TYR A 101 -15.95 -23.52 -8.61
CA TYR A 101 -16.67 -24.53 -9.37
C TYR A 101 -17.72 -23.86 -10.25
N ARG A 102 -17.67 -24.17 -11.54
CA ARG A 102 -18.45 -23.49 -12.57
C ARG A 102 -19.92 -23.29 -12.21
N ARG A 103 -20.51 -24.28 -11.57
CA ARG A 103 -21.93 -24.25 -11.26
C ARG A 103 -22.27 -23.28 -10.14
N ARG A 104 -21.32 -23.05 -9.24
CA ARG A 104 -21.57 -22.21 -8.07
C ARG A 104 -20.99 -20.80 -8.17
N SER A 105 -19.89 -20.65 -8.90
CA SER A 105 -19.19 -19.38 -8.92
C SER A 105 -18.73 -18.97 -10.32
N GLY A 106 -19.23 -19.65 -11.34
CA GLY A 106 -18.83 -19.36 -12.71
C GLY A 106 -17.33 -19.52 -12.90
N ARG A 107 -16.69 -18.47 -13.39
CA ARG A 107 -15.24 -18.46 -13.55
C ARG A 107 -14.55 -17.54 -12.54
N GLY A 108 -15.30 -17.15 -11.51
CA GLY A 108 -14.77 -16.27 -10.49
C GLY A 108 -13.75 -16.95 -9.59
N PHE A 109 -12.78 -16.18 -9.12
CA PHE A 109 -11.78 -16.70 -8.19
C PHE A 109 -12.35 -16.56 -6.78
N ASP A 110 -12.83 -17.65 -6.20
CA ASP A 110 -13.55 -17.56 -4.95
C ASP A 110 -12.64 -17.64 -3.72
N TYR A 111 -11.42 -18.12 -3.90
CA TYR A 111 -10.49 -18.18 -2.79
C TYR A 111 -9.08 -17.71 -3.17
N TRP A 112 -8.52 -16.86 -2.33
CA TRP A 112 -7.20 -16.29 -2.55
C TRP A 112 -6.28 -16.56 -1.37
N GLY A 113 -4.99 -16.71 -1.62
CA GLY A 113 -4.01 -16.77 -0.55
C GLY A 113 -3.78 -15.38 0.00
N GLN A 114 -2.96 -15.27 1.05
CA GLN A 114 -2.67 -13.97 1.65
C GLN A 114 -1.59 -13.25 0.84
N GLY A 115 -0.89 -13.99 0.00
CA GLY A 115 0.12 -13.42 -0.88
C GLY A 115 1.53 -13.50 -0.33
N THR A 116 2.51 -13.54 -1.23
CA THR A 116 3.91 -13.55 -0.84
C THR A 116 4.65 -12.47 -1.64
N LEU A 117 5.47 -11.68 -0.95
CA LEU A 117 6.14 -10.55 -1.58
C LEU A 117 7.43 -10.95 -2.30
N VAL A 118 7.51 -10.62 -3.58
CA VAL A 118 8.72 -10.83 -4.36
C VAL A 118 9.39 -9.50 -4.68
N THR A 119 10.63 -9.35 -4.24
CA THR A 119 11.38 -8.13 -4.50
C THR A 119 12.53 -8.39 -5.45
N VAL A 120 12.48 -7.80 -6.64
CA VAL A 120 13.56 -7.92 -7.59
C VAL A 120 14.39 -6.64 -7.60
N SER A 121 15.61 -6.74 -7.09
CA SER A 121 16.48 -5.58 -6.98
C SER A 121 17.94 -5.99 -6.83
N SER A 122 18.84 -5.13 -7.30
CA SER A 122 20.26 -5.36 -7.16
C SER A 122 20.77 -4.87 -5.81
N ALA A 123 19.89 -4.20 -5.07
CA ALA A 123 20.25 -3.71 -3.74
C ALA A 123 20.50 -4.87 -2.79
N SER A 124 21.36 -4.63 -1.80
CA SER A 124 21.66 -5.66 -0.81
C SER A 124 20.72 -5.53 0.39
N THR A 125 20.45 -6.65 1.04
CA THR A 125 19.66 -6.63 2.28
C THR A 125 20.36 -5.77 3.31
N LYS A 126 19.61 -4.88 3.95
CA LYS A 126 20.20 -3.94 4.90
C LYS A 126 19.21 -3.50 5.98
N GLY A 127 19.65 -3.54 7.22
CA GLY A 127 18.85 -3.04 8.32
C GLY A 127 18.76 -1.52 8.29
N PRO A 128 17.68 -0.97 8.85
CA PRO A 128 17.45 0.47 8.83
C PRO A 128 18.18 1.21 9.95
N SER A 129 18.46 2.50 9.73
CA SER A 129 18.89 3.37 10.81
C SER A 129 17.65 4.07 11.35
N VAL A 130 17.45 4.00 12.66
CA VAL A 130 16.29 4.63 13.26
C VAL A 130 16.68 5.93 13.99
N PHE A 131 16.20 7.05 13.47
CA PHE A 131 16.48 8.34 14.07
C PHE A 131 15.24 8.95 14.71
N PRO A 132 15.43 9.71 15.79
CA PRO A 132 14.31 10.33 16.50
C PRO A 132 13.75 11.55 15.77
N LEU A 133 12.44 11.66 15.74
CA LEU A 133 11.76 12.89 15.33
C LEU A 133 11.32 13.60 16.59
N ALA A 134 12.20 14.43 17.14
CA ALA A 134 12.00 15.02 18.46
C ALA A 134 10.85 16.02 18.48
N PRO A 135 10.09 16.04 19.59
CA PRO A 135 9.04 17.04 19.80
C PRO A 135 9.64 18.43 19.90
N SER A 136 9.04 19.40 19.21
CA SER A 136 9.61 20.74 19.12
C SER A 136 9.69 21.43 20.48
N SER A 137 10.54 22.45 20.54
CA SER A 137 10.67 23.27 21.74
C SER A 137 9.36 24.01 22.02
N LYS A 138 8.57 24.16 20.97
CA LYS A 138 7.27 24.84 21.08
C LYS A 138 6.21 23.83 21.51
N SER A 139 5.08 24.33 22.00
CA SER A 139 4.08 23.46 22.63
C SER A 139 2.69 23.55 22.00
N THR A 140 2.60 24.13 20.80
CA THR A 140 1.30 24.39 20.19
C THR A 140 1.07 23.57 18.91
N SER A 141 0.08 23.98 18.13
CA SER A 141 -0.30 23.35 16.86
C SER A 141 -1.11 22.08 17.06
N GLY A 142 -2.39 22.22 17.36
CA GLY A 142 -3.28 21.10 17.56
C GLY A 142 -3.64 20.86 19.01
N GLY A 143 -3.08 21.68 19.89
CA GLY A 143 -3.29 21.54 21.32
C GLY A 143 -2.33 20.54 21.93
N THR A 144 -1.64 19.81 21.07
CA THR A 144 -0.71 18.79 21.51
C THR A 144 0.61 18.88 20.74
N ALA A 145 1.51 17.96 21.04
CA ALA A 145 2.80 17.90 20.37
C ALA A 145 2.88 16.68 19.46
N ALA A 146 3.84 16.67 18.55
CA ALA A 146 4.03 15.53 17.66
C ALA A 146 5.46 15.03 17.72
N LEU A 147 5.63 13.72 17.65
CA LEU A 147 6.97 13.12 17.63
C LEU A 147 6.94 11.80 16.88
N GLY A 148 8.11 11.22 16.66
CA GLY A 148 8.19 9.95 15.95
C GLY A 148 9.58 9.43 15.70
N CYS A 149 9.67 8.48 14.78
CA CYS A 149 10.95 7.88 14.41
C CYS A 149 11.09 7.80 12.90
N LEU A 150 12.29 8.10 12.42
CA LEU A 150 12.61 7.96 11.00
C LEU A 150 13.34 6.64 10.77
N VAL A 151 12.67 5.70 10.09
CA VAL A 151 13.25 4.41 9.77
C VAL A 151 13.85 4.46 8.38
N LYS A 152 15.14 4.74 8.30
CA LYS A 152 15.76 5.05 7.01
C LYS A 152 16.75 4.01 6.50
N ASP A 153 16.73 3.81 5.18
CA ASP A 153 17.73 3.01 4.48
C ASP A 153 17.72 1.53 4.86
N TYR A 154 16.55 0.92 4.82
CA TYR A 154 16.45 -0.53 5.00
C TYR A 154 16.08 -1.18 3.67
N PHE A 155 16.23 -2.50 3.61
CA PHE A 155 15.92 -3.24 2.40
C PHE A 155 16.01 -4.75 2.64
N PRO A 156 15.03 -5.50 2.11
CA PRO A 156 13.86 -4.96 1.41
C PRO A 156 12.71 -4.74 2.37
N GLU A 157 11.50 -4.56 1.84
CA GLU A 157 10.30 -4.55 2.67
C GLU A 157 10.10 -5.95 3.24
N PRO A 158 9.31 -6.06 4.32
CA PRO A 158 8.71 -4.93 5.02
C PRO A 158 9.37 -4.68 6.37
N VAL A 159 8.94 -3.63 7.06
CA VAL A 159 9.36 -3.38 8.42
C VAL A 159 8.13 -3.16 9.29
N THR A 160 8.23 -3.46 10.58
CA THR A 160 7.14 -3.20 11.51
C THR A 160 7.53 -2.12 12.50
N VAL A 161 6.55 -1.29 12.87
CA VAL A 161 6.79 -0.28 13.90
C VAL A 161 5.66 -0.27 14.92
N SER A 162 6.03 -0.27 16.19
CA SER A 162 5.07 -0.09 17.28
C SER A 162 5.63 0.93 18.26
N TRP A 163 4.79 1.37 19.19
CA TRP A 163 5.22 2.34 20.20
C TRP A 163 4.98 1.82 21.61
N ASN A 164 6.03 1.84 22.42
CA ASN A 164 5.99 1.32 23.79
C ASN A 164 5.51 -0.12 23.83
N SER A 165 6.05 -0.94 22.94
CA SER A 165 5.76 -2.37 22.90
C SER A 165 4.30 -2.68 22.58
N GLY A 166 3.57 -1.68 22.11
CA GLY A 166 2.18 -1.88 21.73
C GLY A 166 1.20 -1.24 22.69
N ALA A 167 1.72 -0.64 23.76
CA ALA A 167 0.89 0.03 24.75
C ALA A 167 0.32 1.33 24.21
N LEU A 168 1.11 2.00 23.37
CA LEU A 168 0.70 3.26 22.76
C LEU A 168 0.27 3.05 21.32
N THR A 169 -1.03 3.18 21.06
CA THR A 169 -1.57 2.94 19.73
C THR A 169 -2.36 4.15 19.22
N SER A 170 -2.98 4.87 20.14
CA SER A 170 -3.83 6.00 19.79
C SER A 170 -3.03 7.17 19.23
N GLY A 171 -3.51 7.76 18.14
CA GLY A 171 -2.88 8.90 17.54
C GLY A 171 -1.60 8.56 16.81
N VAL A 172 -1.42 7.28 16.52
CA VAL A 172 -0.21 6.82 15.84
C VAL A 172 -0.43 6.76 14.34
N HIS A 173 0.58 7.21 13.59
CA HIS A 173 0.55 7.10 12.13
C HIS A 173 1.88 6.55 11.63
N THR A 174 1.84 5.33 11.10
CA THR A 174 3.02 4.75 10.46
C THR A 174 2.82 4.79 8.95
N PHE A 175 3.61 5.61 8.28
CA PHE A 175 3.42 5.87 6.86
C PHE A 175 3.93 4.73 5.99
N PRO A 176 3.36 4.62 4.78
CA PRO A 176 3.85 3.67 3.78
C PRO A 176 5.28 4.00 3.40
N ALA A 177 6.13 2.99 3.32
CA ALA A 177 7.53 3.19 2.96
C ALA A 177 7.66 3.87 1.60
N VAL A 178 8.77 4.58 1.42
CA VAL A 178 9.10 5.16 0.13
C VAL A 178 10.38 4.52 -0.40
N LEU A 179 10.43 4.28 -1.71
CA LEU A 179 11.63 3.75 -2.33
C LEU A 179 12.52 4.89 -2.78
N GLN A 180 13.64 5.07 -2.09
CA GLN A 180 14.57 6.15 -2.39
C GLN A 180 15.39 5.84 -3.64
N SER A 181 15.96 6.88 -4.23
CA SER A 181 16.74 6.73 -5.46
C SER A 181 17.96 5.84 -5.26
N SER A 182 18.32 5.61 -3.99
CA SER A 182 19.44 4.74 -3.65
C SER A 182 19.06 3.27 -3.79
N GLY A 183 17.76 3.00 -3.92
CA GLY A 183 17.28 1.64 -4.00
C GLY A 183 16.89 1.12 -2.63
N LEU A 184 17.03 1.97 -1.62
CA LEU A 184 16.66 1.61 -0.26
C LEU A 184 15.33 2.24 0.12
N TYR A 185 14.64 1.63 1.08
CA TYR A 185 13.35 2.14 1.54
C TYR A 185 13.54 3.05 2.74
N SER A 186 12.52 3.87 3.00
CA SER A 186 12.52 4.75 4.15
C SER A 186 11.09 5.12 4.52
N LEU A 187 10.81 5.20 5.81
CA LEU A 187 9.47 5.57 6.27
C LEU A 187 9.54 6.21 7.64
N SER A 188 8.44 6.83 8.03
CA SER A 188 8.35 7.49 9.32
C SER A 188 7.15 7.00 10.10
N SER A 189 7.30 6.91 11.41
CA SER A 189 6.19 6.63 12.31
C SER A 189 6.08 7.77 13.30
N VAL A 190 4.93 8.42 13.33
CA VAL A 190 4.72 9.55 14.22
C VAL A 190 3.52 9.34 15.13
N VAL A 191 3.53 10.04 16.26
CA VAL A 191 2.40 10.00 17.18
C VAL A 191 2.22 11.37 17.84
N THR A 192 0.98 11.81 17.94
CA THR A 192 0.68 13.06 18.61
C THR A 192 0.39 12.80 20.09
N VAL A 193 1.01 13.60 20.96
CA VAL A 193 0.87 13.43 22.40
C VAL A 193 0.67 14.77 23.09
N PRO A 194 0.15 14.73 24.33
CA PRO A 194 0.02 15.95 25.14
C PRO A 194 1.38 16.58 25.44
N SER A 195 1.55 17.84 25.06
CA SER A 195 2.84 18.50 25.20
C SER A 195 3.22 18.76 26.67
N SER A 196 2.26 18.54 27.56
CA SER A 196 2.47 18.83 28.98
C SER A 196 3.22 17.73 29.72
N SER A 197 3.43 16.60 29.05
CA SER A 197 4.09 15.47 29.67
C SER A 197 5.25 14.95 28.83
N LEU A 198 5.81 15.82 27.99
CA LEU A 198 6.88 15.43 27.09
C LEU A 198 8.11 14.91 27.83
N GLY A 199 8.57 15.67 28.82
CA GLY A 199 9.75 15.28 29.59
C GLY A 199 9.43 14.22 30.62
N THR A 200 8.15 14.02 30.91
CA THR A 200 7.73 13.07 31.92
C THR A 200 7.43 11.69 31.34
N GLN A 201 6.57 11.65 30.33
CA GLN A 201 6.17 10.40 29.71
C GLN A 201 7.28 9.83 28.84
N THR A 202 7.37 8.51 28.80
CA THR A 202 8.37 7.83 28.00
C THR A 202 7.77 7.37 26.67
N TYR A 203 8.48 7.63 25.58
CA TYR A 203 8.02 7.24 24.25
C TYR A 203 9.10 6.50 23.48
N ILE A 204 8.88 5.21 23.27
CA ILE A 204 9.84 4.38 22.55
C ILE A 204 9.23 3.79 21.28
N CYS A 205 9.92 3.96 20.15
CA CYS A 205 9.46 3.34 18.92
C CYS A 205 10.13 1.99 18.73
N ASN A 206 9.33 0.97 18.44
CA ASN A 206 9.82 -0.38 18.29
C ASN A 206 9.89 -0.77 16.82
N VAL A 207 11.10 -0.85 16.28
CA VAL A 207 11.27 -1.14 14.87
C VAL A 207 11.85 -2.54 14.66
N ASN A 208 11.17 -3.33 13.84
CA ASN A 208 11.64 -4.68 13.52
C ASN A 208 11.75 -4.92 12.01
N HIS A 209 12.96 -5.21 11.56
CA HIS A 209 13.20 -5.59 10.17
C HIS A 209 13.74 -7.01 10.12
N LYS A 210 12.83 -7.97 9.98
CA LYS A 210 13.18 -9.38 10.03
C LYS A 210 14.23 -9.83 9.00
N PRO A 211 14.09 -9.39 7.74
CA PRO A 211 15.01 -9.85 6.69
C PRO A 211 16.49 -9.57 6.99
N SER A 212 16.78 -8.73 7.97
CA SER A 212 18.16 -8.33 8.24
C SER A 212 18.58 -8.60 9.69
N ASN A 213 17.70 -9.22 10.46
CA ASN A 213 17.99 -9.49 11.87
C ASN A 213 18.16 -8.16 12.62
N THR A 214 17.45 -7.14 12.17
CA THR A 214 17.56 -5.82 12.77
C THR A 214 16.31 -5.48 13.57
N LYS A 215 16.43 -5.58 14.89
CA LYS A 215 15.36 -5.20 15.79
C LYS A 215 15.86 -4.12 16.74
N VAL A 216 15.23 -2.95 16.69
CA VAL A 216 15.72 -1.79 17.43
C VAL A 216 14.63 -1.05 18.18
N ASP A 217 14.97 -0.55 19.36
CA ASP A 217 14.07 0.30 20.14
C ASP A 217 14.74 1.64 20.40
N LYS A 218 14.08 2.71 19.99
CA LYS A 218 14.65 4.05 20.15
C LYS A 218 13.77 4.93 21.02
N LYS A 219 14.33 5.45 22.10
CA LYS A 219 13.61 6.39 22.94
C LYS A 219 13.64 7.77 22.31
N VAL A 220 12.49 8.43 22.24
CA VAL A 220 12.40 9.74 21.62
C VAL A 220 12.11 10.80 22.68
N GLU A 221 13.10 11.65 22.93
CA GLU A 221 12.96 12.71 23.92
C GLU A 221 13.14 14.09 23.30
N PRO A 222 12.60 15.12 23.96
CA PRO A 222 12.81 16.50 23.52
C PRO A 222 14.29 16.84 23.50
N LYS A 223 14.77 17.47 22.43
CA LYS A 223 16.18 17.79 22.32
C LYS A 223 16.59 18.81 23.38
N SER A 224 17.85 18.77 23.78
CA SER A 224 18.36 19.64 24.84
C SER A 224 18.29 21.12 24.44
N CYS A 225 18.66 21.41 23.20
CA CYS A 225 18.61 22.77 22.66
C CYS A 225 19.53 23.71 23.44
N SER B 1 -6.03 -9.73 -30.39
CA SER B 1 -5.93 -8.54 -29.54
C SER B 1 -6.33 -8.87 -28.10
N ASP B 2 -5.49 -8.44 -27.15
CA ASP B 2 -5.84 -8.55 -25.74
C ASP B 2 -7.11 -7.76 -25.46
N ILE B 3 -7.98 -8.31 -24.61
CA ILE B 3 -9.22 -7.63 -24.28
C ILE B 3 -8.98 -6.62 -23.16
N GLN B 4 -9.36 -5.37 -23.43
CA GLN B 4 -9.17 -4.31 -22.44
C GLN B 4 -10.38 -4.19 -21.53
N MET B 5 -10.13 -4.00 -20.23
CA MET B 5 -11.18 -3.73 -19.27
C MET B 5 -10.96 -2.35 -18.68
N THR B 6 -11.62 -1.35 -19.25
CA THR B 6 -11.43 0.04 -18.84
C THR B 6 -12.37 0.41 -17.70
N GLN B 7 -11.81 0.55 -16.50
CA GLN B 7 -12.61 0.78 -15.31
C GLN B 7 -12.63 2.25 -14.90
N SER B 8 -13.80 2.71 -14.46
CA SER B 8 -13.95 4.07 -13.97
C SER B 8 -15.10 4.17 -12.99
N PRO B 9 -15.05 5.16 -12.09
CA PRO B 9 -13.93 6.10 -11.98
C PRO B 9 -12.75 5.44 -11.27
N SER B 10 -11.59 6.10 -11.26
CA SER B 10 -10.42 5.53 -10.61
C SER B 10 -10.53 5.69 -9.10
N SER B 11 -11.30 6.70 -8.69
CA SER B 11 -11.54 6.93 -7.27
C SER B 11 -12.92 7.55 -7.09
N LEU B 12 -13.46 7.43 -5.88
CA LEU B 12 -14.83 7.83 -5.62
C LEU B 12 -15.02 8.16 -4.15
N SER B 13 -15.65 9.29 -3.88
CA SER B 13 -15.98 9.67 -2.51
C SER B 13 -17.48 9.60 -2.30
N ALA B 14 -17.90 9.02 -1.19
CA ALA B 14 -19.33 8.86 -0.92
C ALA B 14 -19.62 8.80 0.58
N SER B 15 -20.86 9.12 0.93
CA SER B 15 -21.31 9.03 2.31
C SER B 15 -21.88 7.63 2.58
N VAL B 16 -21.81 7.20 3.84
CA VAL B 16 -22.49 5.97 4.24
C VAL B 16 -23.96 6.08 3.88
N GLY B 17 -24.48 5.04 3.22
CA GLY B 17 -25.88 5.02 2.81
C GLY B 17 -26.10 5.44 1.37
N ASP B 18 -25.07 6.01 0.75
CA ASP B 18 -25.14 6.43 -0.65
C ASP B 18 -25.26 5.27 -1.62
N ARG B 19 -25.85 5.54 -2.78
CA ARG B 19 -25.89 4.59 -3.88
C ARG B 19 -24.78 4.90 -4.87
N VAL B 20 -23.87 3.95 -5.09
CA VAL B 20 -22.75 4.15 -6.00
C VAL B 20 -22.65 3.06 -7.07
N THR B 21 -22.12 3.42 -8.23
CA THR B 21 -21.95 2.48 -9.32
C THR B 21 -20.56 2.57 -9.93
N ILE B 22 -19.94 1.41 -10.13
CA ILE B 22 -18.60 1.34 -10.74
C ILE B 22 -18.70 0.68 -12.10
N THR B 23 -17.93 1.17 -13.06
CA THR B 23 -18.06 0.70 -14.44
C THR B 23 -16.79 0.10 -15.03
N CYS B 24 -16.94 -1.03 -15.70
CA CYS B 24 -15.88 -1.60 -16.51
C CYS B 24 -16.37 -1.82 -17.92
N ARG B 25 -15.60 -1.36 -18.89
CA ARG B 25 -16.00 -1.43 -20.28
C ARG B 25 -14.99 -2.23 -21.10
N ALA B 26 -15.44 -3.36 -21.63
CA ALA B 26 -14.58 -4.26 -22.36
C ALA B 26 -14.34 -3.76 -23.78
N SER B 27 -13.17 -4.06 -24.33
CA SER B 27 -12.78 -3.59 -25.66
C SER B 27 -13.36 -4.48 -26.74
N GLN B 28 -13.90 -5.62 -26.33
CA GLN B 28 -14.61 -6.52 -27.24
C GLN B 28 -15.54 -7.39 -26.42
N SER B 29 -16.30 -8.24 -27.11
CA SER B 29 -17.26 -9.08 -26.42
C SER B 29 -16.57 -10.00 -25.43
N VAL B 30 -17.04 -9.96 -24.18
CA VAL B 30 -16.55 -10.88 -23.16
C VAL B 30 -17.72 -11.73 -22.64
N SER B 31 -18.79 -11.77 -23.42
CA SER B 31 -20.01 -12.47 -23.04
C SER B 31 -20.46 -11.99 -21.67
N SER B 32 -20.51 -12.89 -20.70
CA SER B 32 -20.90 -12.56 -19.34
C SER B 32 -19.84 -13.00 -18.35
N ALA B 33 -18.68 -13.37 -18.85
CA ALA B 33 -17.57 -13.86 -18.03
C ALA B 33 -16.85 -12.71 -17.33
N VAL B 34 -17.61 -11.95 -16.54
CA VAL B 34 -17.05 -10.83 -15.80
C VAL B 34 -17.27 -11.03 -14.29
N ALA B 35 -16.21 -10.84 -13.51
CA ALA B 35 -16.30 -10.97 -12.07
C ALA B 35 -15.94 -9.65 -11.38
N TRP B 36 -16.47 -9.43 -10.19
CA TRP B 36 -16.12 -8.25 -9.41
C TRP B 36 -15.52 -8.66 -8.07
N TYR B 37 -14.48 -7.94 -7.66
CA TYR B 37 -13.80 -8.23 -6.41
C TYR B 37 -13.71 -7.01 -5.50
N GLN B 38 -13.67 -7.26 -4.20
CA GLN B 38 -13.41 -6.22 -3.21
C GLN B 38 -12.06 -6.46 -2.54
N GLN B 39 -11.26 -5.40 -2.40
CA GLN B 39 -9.96 -5.54 -1.76
C GLN B 39 -9.70 -4.41 -0.78
N LYS B 40 -9.32 -4.78 0.43
CA LYS B 40 -8.98 -3.80 1.46
C LYS B 40 -7.47 -3.80 1.68
N PRO B 41 -6.93 -2.68 2.18
CA PRO B 41 -5.49 -2.51 2.35
C PRO B 41 -4.84 -3.67 3.10
N GLY B 42 -3.84 -4.30 2.48
CA GLY B 42 -3.09 -5.37 3.10
C GLY B 42 -3.81 -6.72 3.12
N LYS B 43 -4.89 -6.84 2.37
CA LYS B 43 -5.68 -8.07 2.33
C LYS B 43 -5.84 -8.59 0.91
N ALA B 44 -6.16 -9.87 0.79
CA ALA B 44 -6.44 -10.44 -0.52
C ALA B 44 -7.80 -10.00 -1.02
N PRO B 45 -7.97 -9.97 -2.35
CA PRO B 45 -9.27 -9.68 -2.97
C PRO B 45 -10.34 -10.69 -2.53
N LYS B 46 -11.60 -10.24 -2.49
CA LYS B 46 -12.71 -11.15 -2.21
C LYS B 46 -13.74 -11.08 -3.33
N LEU B 47 -14.21 -12.24 -3.76
CA LEU B 47 -15.18 -12.32 -4.85
C LEU B 47 -16.54 -11.81 -4.40
N LEU B 48 -17.16 -10.99 -5.25
CA LEU B 48 -18.47 -10.42 -4.96
C LEU B 48 -19.50 -10.88 -5.98
N ILE B 49 -19.14 -10.74 -7.26
CA ILE B 49 -20.03 -11.04 -8.37
C ILE B 49 -19.33 -11.92 -9.38
N TYR B 50 -20.06 -12.88 -9.94
CA TYR B 50 -19.54 -13.68 -11.04
C TYR B 50 -20.56 -13.72 -12.17
N SER B 51 -20.09 -14.03 -13.37
CA SER B 51 -20.97 -14.11 -14.54
C SER B 51 -21.74 -12.81 -14.71
N ALA B 52 -21.05 -11.71 -14.41
CA ALA B 52 -21.58 -10.36 -14.61
C ALA B 52 -22.66 -9.95 -13.61
N SER B 53 -23.58 -10.86 -13.29
CA SER B 53 -24.75 -10.46 -12.52
C SER B 53 -25.14 -11.39 -11.38
N SER B 54 -24.35 -12.43 -11.14
CA SER B 54 -24.68 -13.37 -10.08
C SER B 54 -23.97 -13.03 -8.77
N LEU B 55 -24.74 -13.01 -7.69
CA LEU B 55 -24.21 -12.72 -6.37
C LEU B 55 -23.52 -13.95 -5.77
N TYR B 56 -22.21 -13.82 -5.53
CA TYR B 56 -21.47 -14.92 -4.92
C TYR B 56 -22.02 -15.23 -3.52
N SER B 57 -22.04 -16.51 -3.18
CA SER B 57 -22.57 -16.98 -1.91
C SER B 57 -21.97 -16.25 -0.70
N GLY B 58 -22.83 -15.75 0.17
CA GLY B 58 -22.39 -15.08 1.38
C GLY B 58 -22.19 -13.58 1.23
N VAL B 59 -22.28 -13.09 0.01
CA VAL B 59 -22.15 -11.66 -0.26
C VAL B 59 -23.49 -10.95 -0.10
N PRO B 60 -23.51 -9.87 0.69
CA PRO B 60 -24.75 -9.11 0.94
C PRO B 60 -25.38 -8.61 -0.37
N SER B 61 -26.71 -8.55 -0.41
CA SER B 61 -27.41 -8.32 -1.67
C SER B 61 -27.41 -6.86 -2.11
N ARG B 62 -26.86 -5.97 -1.31
CA ARG B 62 -26.73 -4.58 -1.71
C ARG B 62 -25.70 -4.48 -2.84
N PHE B 63 -24.85 -5.50 -2.94
CA PHE B 63 -23.95 -5.64 -4.08
C PHE B 63 -24.69 -6.28 -5.25
N SER B 64 -24.72 -5.61 -6.40
CA SER B 64 -25.32 -6.20 -7.59
C SER B 64 -24.49 -5.88 -8.82
N GLY B 65 -24.62 -6.71 -9.84
CA GLY B 65 -23.91 -6.49 -11.09
C GLY B 65 -24.86 -6.59 -12.27
N SER B 66 -24.57 -5.84 -13.32
CA SER B 66 -25.37 -5.89 -14.54
C SER B 66 -24.51 -5.78 -15.79
N ARG B 67 -25.01 -6.33 -16.89
CA ARG B 67 -24.33 -6.24 -18.17
C ARG B 67 -25.18 -5.46 -19.18
N SER B 68 -24.53 -4.55 -19.90
CA SER B 68 -25.19 -3.83 -20.99
C SER B 68 -24.28 -3.85 -22.21
N GLY B 69 -24.33 -4.96 -22.95
CA GLY B 69 -23.44 -5.17 -24.07
C GLY B 69 -22.06 -5.55 -23.58
N THR B 70 -21.08 -4.68 -23.83
CA THR B 70 -19.72 -4.91 -23.38
C THR B 70 -19.38 -4.00 -22.21
N ASP B 71 -20.41 -3.34 -21.67
CA ASP B 71 -20.26 -2.48 -20.52
C ASP B 71 -20.84 -3.15 -19.27
N PHE B 72 -20.03 -3.19 -18.21
CA PHE B 72 -20.42 -3.89 -16.98
C PHE B 72 -20.39 -2.96 -15.79
N THR B 73 -21.38 -3.11 -14.91
CA THR B 73 -21.48 -2.23 -13.76
C THR B 73 -21.63 -2.99 -12.46
N LEU B 74 -20.89 -2.55 -11.45
CA LEU B 74 -21.06 -3.04 -10.09
C LEU B 74 -21.75 -1.94 -9.28
N THR B 75 -22.86 -2.29 -8.65
CA THR B 75 -23.63 -1.30 -7.90
C THR B 75 -23.78 -1.67 -6.43
N ILE B 76 -23.53 -0.71 -5.57
CA ILE B 76 -23.78 -0.86 -4.14
C ILE B 76 -24.95 0.03 -3.76
N SER B 77 -26.12 -0.57 -3.59
CA SER B 77 -27.37 0.17 -3.39
C SER B 77 -27.33 1.13 -2.22
N SER B 78 -26.61 0.76 -1.17
CA SER B 78 -26.51 1.59 0.02
C SER B 78 -25.23 1.26 0.77
N LEU B 79 -24.22 2.10 0.61
CA LEU B 79 -22.91 1.85 1.21
C LEU B 79 -23.01 1.69 2.73
N GLN B 80 -22.26 0.73 3.24
CA GLN B 80 -22.07 0.60 4.68
C GLN B 80 -20.60 0.82 4.98
N PRO B 81 -20.28 1.08 6.25
CA PRO B 81 -18.91 1.41 6.68
C PRO B 81 -17.89 0.39 6.19
N GLU B 82 -18.25 -0.89 6.18
CA GLU B 82 -17.31 -1.93 5.81
C GLU B 82 -17.16 -2.07 4.30
N ASP B 83 -17.89 -1.24 3.56
CA ASP B 83 -17.90 -1.33 2.09
C ASP B 83 -16.81 -0.48 1.45
N PHE B 84 -16.20 0.40 2.22
CA PHE B 84 -15.20 1.29 1.67
C PHE B 84 -13.87 0.57 1.45
N ALA B 85 -13.48 0.49 0.19
CA ALA B 85 -12.33 -0.29 -0.22
C ALA B 85 -12.10 -0.09 -1.71
N THR B 86 -11.25 -0.93 -2.29
CA THR B 86 -10.99 -0.88 -3.72
C THR B 86 -11.69 -2.04 -4.42
N TYR B 87 -12.25 -1.77 -5.59
CA TYR B 87 -13.00 -2.76 -6.34
C TYR B 87 -12.41 -2.99 -7.73
N TYR B 88 -12.32 -4.26 -8.12
CA TYR B 88 -11.75 -4.63 -9.40
C TYR B 88 -12.72 -5.47 -10.22
N CYS B 89 -12.83 -5.15 -11.51
CA CYS B 89 -13.54 -6.00 -12.44
C CYS B 89 -12.54 -6.93 -13.11
N GLN B 90 -13.03 -8.02 -13.68
CA GLN B 90 -12.19 -8.96 -14.39
C GLN B 90 -12.96 -9.67 -15.48
N GLN B 91 -12.36 -9.74 -16.67
CA GLN B 91 -12.93 -10.56 -17.73
C GLN B 91 -12.20 -11.89 -17.75
N SER B 92 -12.96 -12.97 -17.88
CA SER B 92 -12.40 -14.31 -18.01
C SER B 92 -13.07 -15.02 -19.17
N TYR B 93 -13.36 -14.26 -20.21
CA TYR B 93 -13.97 -14.81 -21.41
C TYR B 93 -12.92 -15.53 -22.26
N SER B 94 -11.68 -15.04 -22.19
CA SER B 94 -10.57 -15.70 -22.89
C SER B 94 -9.23 -15.30 -22.28
N PHE B 95 -8.20 -16.10 -22.55
CA PHE B 95 -6.86 -15.81 -22.05
C PHE B 95 -6.07 -14.95 -23.03
N PRO B 96 -5.24 -14.04 -22.50
CA PRO B 96 -5.02 -13.87 -21.07
C PRO B 96 -6.14 -13.12 -20.38
N SER B 97 -6.29 -13.33 -19.07
CA SER B 97 -7.33 -12.64 -18.31
C SER B 97 -6.95 -11.18 -18.10
N THR B 98 -7.95 -10.35 -17.83
CA THR B 98 -7.73 -8.91 -17.67
C THR B 98 -8.49 -8.36 -16.46
N PHE B 99 -7.77 -7.70 -15.56
CA PHE B 99 -8.39 -6.96 -14.47
C PHE B 99 -8.52 -5.48 -14.83
N GLY B 100 -9.55 -4.83 -14.31
CA GLY B 100 -9.67 -3.40 -14.45
C GLY B 100 -8.63 -2.70 -13.58
N GLN B 101 -8.40 -1.42 -13.81
CA GLN B 101 -7.40 -0.68 -13.03
C GLN B 101 -7.86 -0.44 -11.60
N GLY B 102 -9.15 -0.67 -11.34
CA GLY B 102 -9.69 -0.57 -9.99
C GLY B 102 -10.30 0.78 -9.66
N THR B 103 -11.16 0.76 -8.64
CA THR B 103 -11.82 1.98 -8.16
C THR B 103 -11.73 2.02 -6.64
N LYS B 104 -11.10 3.04 -6.10
CA LYS B 104 -11.05 3.18 -4.65
C LYS B 104 -12.26 3.98 -4.16
N VAL B 105 -12.99 3.41 -3.20
CA VAL B 105 -14.18 4.06 -2.67
C VAL B 105 -13.94 4.55 -1.25
N GLU B 106 -13.81 5.86 -1.11
CA GLU B 106 -13.48 6.45 0.17
C GLU B 106 -14.66 7.19 0.80
N ILE B 107 -14.62 7.38 2.11
CA ILE B 107 -15.73 7.98 2.84
C ILE B 107 -15.63 9.50 2.87
N LYS B 108 -16.75 10.17 2.64
CA LYS B 108 -16.82 11.63 2.72
C LYS B 108 -17.01 12.10 4.15
N ARG B 109 -16.50 13.29 4.44
CA ARG B 109 -16.66 13.91 5.75
C ARG B 109 -16.39 15.40 5.63
N THR B 110 -16.60 16.13 6.72
CA THR B 110 -16.39 17.57 6.72
C THR B 110 -14.92 17.91 6.54
N VAL B 111 -14.66 19.04 5.89
CA VAL B 111 -13.29 19.49 5.66
C VAL B 111 -12.55 19.64 6.98
N ALA B 112 -11.33 19.13 7.03
CA ALA B 112 -10.52 19.22 8.23
C ALA B 112 -9.11 19.68 7.88
N ALA B 113 -8.73 20.83 8.40
CA ALA B 113 -7.38 21.37 8.18
C ALA B 113 -6.35 20.51 8.89
N PRO B 114 -5.17 20.37 8.28
CA PRO B 114 -4.09 19.56 8.85
C PRO B 114 -3.36 20.28 9.98
N SER B 115 -2.87 19.52 10.97
CA SER B 115 -1.92 20.05 11.92
C SER B 115 -0.53 19.83 11.35
N VAL B 116 0.29 20.88 11.33
CA VAL B 116 1.58 20.81 10.66
C VAL B 116 2.76 20.84 11.62
N PHE B 117 3.67 19.90 11.45
CA PHE B 117 4.89 19.86 12.26
C PHE B 117 6.11 19.70 11.37
N ILE B 118 7.21 20.35 11.75
CA ILE B 118 8.47 20.17 11.04
C ILE B 118 9.52 19.58 12.00
N PHE B 119 10.31 18.65 11.49
CA PHE B 119 11.34 18.00 12.29
C PHE B 119 12.71 18.19 11.66
N PRO B 120 13.63 18.82 12.39
CA PRO B 120 15.00 18.93 11.90
C PRO B 120 15.69 17.58 11.99
N PRO B 121 16.71 17.35 11.16
CA PRO B 121 17.45 16.08 11.22
C PRO B 121 18.10 15.91 12.59
N SER B 122 18.14 14.68 13.09
CA SER B 122 18.78 14.40 14.37
C SER B 122 20.28 14.56 14.26
N ASP B 123 20.94 14.83 15.38
CA ASP B 123 22.40 14.95 15.37
C ASP B 123 23.04 13.62 15.00
N GLU B 124 22.37 12.52 15.33
CA GLU B 124 22.89 11.19 15.05
C GLU B 124 22.96 10.94 13.54
N GLN B 125 21.93 11.36 12.81
CA GLN B 125 21.92 11.19 11.36
C GLN B 125 22.95 12.09 10.69
N LEU B 126 23.16 13.27 11.28
CA LEU B 126 24.08 14.25 10.71
C LEU B 126 25.51 13.74 10.67
N LYS B 127 25.93 13.02 11.71
CA LYS B 127 27.28 12.49 11.75
C LYS B 127 27.45 11.33 10.78
N SER B 128 26.43 11.10 9.95
CA SER B 128 26.47 10.04 8.95
C SER B 128 26.67 10.61 7.56
N GLY B 129 26.51 11.93 7.42
CA GLY B 129 26.74 12.60 6.16
C GLY B 129 25.48 12.98 5.41
N THR B 130 24.33 12.63 5.98
CA THR B 130 23.05 12.95 5.34
C THR B 130 22.13 13.68 6.31
N ALA B 131 21.34 14.61 5.77
CA ALA B 131 20.35 15.33 6.56
C ALA B 131 18.94 15.07 6.03
N SER B 132 18.09 14.50 6.88
CA SER B 132 16.70 14.29 6.50
C SER B 132 15.82 15.27 7.26
N VAL B 133 15.04 16.05 6.53
CA VAL B 133 14.11 16.99 7.15
C VAL B 133 12.68 16.50 6.90
N VAL B 134 11.91 16.37 7.98
CA VAL B 134 10.57 15.79 7.88
C VAL B 134 9.47 16.80 8.22
N CYS B 135 8.41 16.76 7.41
CA CYS B 135 7.26 17.61 7.63
C CYS B 135 6.01 16.73 7.73
N LEU B 136 5.19 16.96 8.75
CA LEU B 136 4.02 16.14 8.99
C LEU B 136 2.73 16.93 8.84
N LEU B 137 1.82 16.42 8.02
CA LEU B 137 0.46 16.94 7.94
C LEU B 137 -0.46 15.91 8.60
N ASN B 138 -1.01 16.28 9.75
CA ASN B 138 -1.70 15.31 10.60
C ASN B 138 -3.23 15.43 10.58
N ASN B 139 -3.88 14.35 10.16
CA ASN B 139 -5.34 14.23 10.25
C ASN B 139 -6.11 15.34 9.53
N PHE B 140 -6.13 15.28 8.20
CA PHE B 140 -6.84 16.28 7.41
C PHE B 140 -7.79 15.65 6.40
N TYR B 141 -8.68 16.46 5.84
CA TYR B 141 -9.58 16.02 4.78
C TYR B 141 -10.08 17.25 4.01
N PRO B 142 -10.16 17.14 2.68
CA PRO B 142 -9.89 15.92 1.91
C PRO B 142 -8.40 15.61 1.75
N ARG B 143 -8.11 14.61 0.93
CA ARG B 143 -6.75 14.07 0.80
C ARG B 143 -5.81 15.04 0.08
N GLU B 144 -6.37 15.85 -0.82
CA GLU B 144 -5.57 16.78 -1.61
C GLU B 144 -4.89 17.81 -0.71
N ALA B 145 -3.56 17.85 -0.81
CA ALA B 145 -2.75 18.79 -0.05
C ALA B 145 -1.48 19.13 -0.81
N LYS B 146 -0.93 20.31 -0.56
CA LYS B 146 0.29 20.74 -1.24
C LYS B 146 1.39 21.09 -0.25
N VAL B 147 2.51 20.39 -0.35
CA VAL B 147 3.65 20.64 0.51
C VAL B 147 4.82 21.19 -0.29
N GLN B 148 5.35 22.33 0.13
CA GLN B 148 6.53 22.91 -0.51
C GLN B 148 7.66 23.09 0.50
N TRP B 149 8.89 22.82 0.07
CA TRP B 149 10.06 23.00 0.93
C TRP B 149 10.84 24.24 0.55
N LYS B 150 11.17 25.06 1.55
CA LYS B 150 11.97 26.25 1.33
C LYS B 150 13.25 26.16 2.16
N VAL B 151 14.38 26.42 1.52
CA VAL B 151 15.66 26.49 2.22
C VAL B 151 16.24 27.87 2.04
N ASP B 152 16.29 28.64 3.13
CA ASP B 152 16.62 30.07 3.04
C ASP B 152 15.70 30.73 2.02
N ASN B 153 14.43 30.38 2.09
CA ASN B 153 13.39 30.93 1.23
C ASN B 153 13.53 30.53 -0.24
N ALA B 154 14.36 29.54 -0.51
CA ALA B 154 14.45 29.01 -1.87
C ALA B 154 13.59 27.74 -2.00
N LEU B 155 12.71 27.72 -3.00
CA LEU B 155 11.84 26.58 -3.23
C LEU B 155 12.62 25.35 -3.69
N GLN B 156 12.50 24.25 -2.94
CA GLN B 156 13.17 23.01 -3.30
C GLN B 156 12.36 22.24 -4.34
N SER B 157 13.06 21.43 -5.14
CA SER B 157 12.40 20.63 -6.17
C SER B 157 13.21 19.38 -6.50
N GLY B 158 12.56 18.22 -6.45
CA GLY B 158 13.19 16.97 -6.81
C GLY B 158 13.98 16.30 -5.70
N ASN B 159 13.98 16.89 -4.51
CA ASN B 159 14.77 16.36 -3.40
C ASN B 159 13.93 16.05 -2.17
N SER B 160 12.67 15.71 -2.40
CA SER B 160 11.78 15.34 -1.31
C SER B 160 10.82 14.24 -1.77
N GLN B 161 10.28 13.48 -0.82
CA GLN B 161 9.32 12.44 -1.14
C GLN B 161 8.17 12.42 -0.15
N GLU B 162 6.97 12.14 -0.66
CA GLU B 162 5.76 12.13 0.15
C GLU B 162 5.20 10.74 0.36
N SER B 163 4.49 10.58 1.47
CA SER B 163 3.82 9.33 1.79
C SER B 163 2.55 9.66 2.56
N VAL B 164 1.43 9.06 2.16
CA VAL B 164 0.15 9.34 2.80
C VAL B 164 -0.52 8.07 3.31
N THR B 165 -1.05 8.13 4.53
CA THR B 165 -1.69 6.98 5.14
C THR B 165 -3.05 6.70 4.53
N GLU B 166 -3.55 5.48 4.73
CA GLU B 166 -4.91 5.15 4.37
C GLU B 166 -5.88 5.99 5.18
N GLN B 167 -7.08 6.22 4.63
CA GLN B 167 -8.11 6.97 5.33
C GLN B 167 -8.37 6.33 6.69
N ASP B 168 -8.33 7.14 7.75
CA ASP B 168 -8.40 6.63 9.11
C ASP B 168 -9.75 5.99 9.41
N SER B 169 -9.70 4.89 10.15
CA SER B 169 -10.88 4.08 10.40
C SER B 169 -11.87 4.75 11.35
N LYS B 170 -11.44 5.80 12.05
CA LYS B 170 -12.31 6.46 13.02
C LYS B 170 -12.75 7.86 12.61
N ASP B 171 -11.79 8.74 12.31
CA ASP B 171 -12.15 10.12 11.94
C ASP B 171 -12.18 10.30 10.41
N SER B 172 -11.76 9.26 9.68
CA SER B 172 -11.81 9.27 8.22
C SER B 172 -10.93 10.37 7.61
N THR B 173 -9.86 10.73 8.31
CA THR B 173 -8.91 11.72 7.82
C THR B 173 -7.69 11.06 7.19
N TYR B 174 -6.81 11.89 6.63
CA TYR B 174 -5.54 11.42 6.09
C TYR B 174 -4.39 12.08 6.83
N SER B 175 -3.24 11.42 6.83
CA SER B 175 -2.01 12.05 7.30
C SER B 175 -0.97 11.95 6.21
N LEU B 176 -0.01 12.87 6.23
CA LEU B 176 1.00 12.91 5.20
C LEU B 176 2.35 13.29 5.78
N SER B 177 3.40 12.61 5.32
CA SER B 177 4.75 12.97 5.70
C SER B 177 5.58 13.25 4.46
N SER B 178 6.28 14.38 4.48
CA SER B 178 7.19 14.74 3.42
C SER B 178 8.60 14.78 3.97
N THR B 179 9.56 14.21 3.23
CA THR B 179 10.93 14.17 3.68
C THR B 179 11.88 14.87 2.70
N LEU B 180 12.54 15.91 3.16
CA LEU B 180 13.55 16.60 2.36
C LEU B 180 14.90 15.98 2.65
N THR B 181 15.60 15.54 1.60
CA THR B 181 16.89 14.89 1.80
C THR B 181 18.03 15.76 1.28
N LEU B 182 18.99 16.03 2.15
CA LEU B 182 20.14 16.83 1.81
C LEU B 182 21.42 16.21 2.34
N SER B 183 22.52 16.44 1.63
CA SER B 183 23.83 16.09 2.17
C SER B 183 24.08 16.93 3.42
N LYS B 184 24.89 16.40 4.34
CA LYS B 184 25.26 17.16 5.54
C LYS B 184 25.92 18.49 5.18
N ALA B 185 26.65 18.50 4.06
CA ALA B 185 27.34 19.71 3.63
C ALA B 185 26.37 20.77 3.15
N ASP B 186 25.43 20.38 2.28
CA ASP B 186 24.44 21.33 1.78
C ASP B 186 23.56 21.84 2.92
N TYR B 187 23.27 20.97 3.86
CA TYR B 187 22.40 21.31 4.98
C TYR B 187 23.02 22.42 5.84
N GLU B 188 24.32 22.30 6.10
CA GLU B 188 25.01 23.25 6.97
C GLU B 188 25.36 24.56 6.26
N LYS B 189 25.02 24.67 4.98
CA LYS B 189 25.26 25.89 4.23
C LYS B 189 24.10 26.88 4.33
N HIS B 190 23.02 26.47 5.00
CA HIS B 190 21.82 27.31 5.07
C HIS B 190 21.23 27.34 6.48
N LYS B 191 20.34 28.29 6.72
CA LYS B 191 19.83 28.53 8.07
C LYS B 191 18.37 28.14 8.24
N VAL B 192 17.50 28.77 7.45
CA VAL B 192 16.06 28.62 7.64
C VAL B 192 15.46 27.50 6.79
N TYR B 193 14.96 26.48 7.47
CA TYR B 193 14.29 25.37 6.80
C TYR B 193 12.79 25.42 7.11
N ALA B 194 11.98 25.38 6.06
CA ALA B 194 10.54 25.50 6.22
C ALA B 194 9.78 24.60 5.26
N CYS B 195 8.54 24.27 5.62
CA CYS B 195 7.65 23.65 4.68
C CYS B 195 6.32 24.39 4.72
N GLU B 196 5.85 24.81 3.54
CA GLU B 196 4.60 25.54 3.43
C GLU B 196 3.49 24.62 2.98
N VAL B 197 2.44 24.54 3.78
CA VAL B 197 1.32 23.67 3.50
C VAL B 197 0.13 24.47 3.00
N THR B 198 -0.49 24.00 1.92
CA THR B 198 -1.75 24.58 1.48
C THR B 198 -2.78 23.46 1.42
N HIS B 199 -3.91 23.70 2.06
CA HIS B 199 -4.99 22.73 2.12
C HIS B 199 -6.32 23.45 2.19
N GLN B 200 -7.37 22.80 1.68
CA GLN B 200 -8.70 23.41 1.63
C GLN B 200 -9.21 23.85 2.99
N GLY B 201 -8.77 23.15 4.04
CA GLY B 201 -9.21 23.47 5.39
C GLY B 201 -8.45 24.63 6.00
N LEU B 202 -7.46 25.15 5.28
CA LEU B 202 -6.64 26.23 5.79
C LEU B 202 -7.12 27.60 5.31
N SER B 203 -7.42 28.47 6.27
CA SER B 203 -7.83 29.84 5.97
C SER B 203 -6.79 30.53 5.09
N SER B 204 -5.53 30.14 5.27
CA SER B 204 -4.45 30.59 4.41
C SER B 204 -3.25 29.66 4.59
N PRO B 205 -2.28 29.75 3.66
CA PRO B 205 -1.05 28.93 3.69
C PRO B 205 -0.39 28.93 5.06
N VAL B 206 0.14 27.78 5.47
CA VAL B 206 0.76 27.65 6.77
C VAL B 206 2.22 27.26 6.65
N THR B 207 3.09 28.00 7.33
CA THR B 207 4.52 27.74 7.27
C THR B 207 5.08 27.30 8.62
N LYS B 208 5.69 26.13 8.64
CA LYS B 208 6.43 25.67 9.81
C LYS B 208 7.92 25.69 9.48
N SER B 209 8.72 26.27 10.36
CA SER B 209 10.13 26.43 10.08
C SER B 209 10.98 26.35 11.34
N PHE B 210 12.27 26.05 11.13
CA PHE B 210 13.25 26.12 12.21
C PHE B 210 14.55 26.69 11.66
N ASN B 211 15.38 27.21 12.56
CA ASN B 211 16.71 27.67 12.18
C ASN B 211 17.74 26.63 12.59
N ARG B 212 18.61 26.27 11.64
CA ARG B 212 19.50 25.13 11.77
C ARG B 212 20.20 25.01 13.12
N GLY B 213 20.94 26.05 13.50
CA GLY B 213 21.76 25.99 14.69
C GLY B 213 21.02 26.10 16.01
N GLU B 214 19.87 26.76 16.00
CA GLU B 214 19.17 27.10 17.24
C GLU B 214 18.52 25.89 17.92
N CYS B 215 17.87 25.04 17.15
CA CYS B 215 17.27 23.82 17.68
C CYS B 215 17.21 22.73 16.63
PB GDP C 1 -63.02 -64.74 -78.24
O1B GDP C 1 -61.85 -64.66 -77.28
O2B GDP C 1 -62.61 -65.44 -79.51
O3B GDP C 1 -63.45 -63.33 -78.59
O3A GDP C 1 -64.28 -65.51 -77.57
PA GDP C 1 -64.09 -66.73 -76.53
O1A GDP C 1 -62.92 -66.51 -75.60
O2A GDP C 1 -63.93 -68.04 -77.27
O5' GDP C 1 -65.45 -66.77 -75.66
C5' GDP C 1 -65.44 -67.56 -74.48
C4' GDP C 1 -66.69 -67.35 -73.64
O4' GDP C 1 -67.73 -68.20 -74.13
C3' GDP C 1 -66.42 -67.73 -72.19
O3' GDP C 1 -66.37 -66.59 -71.35
C2' GDP C 1 -67.54 -68.66 -71.78
O2' GDP C 1 -68.45 -67.99 -70.90
C1' GDP C 1 -68.24 -69.04 -73.08
N9 GDP C 1 -67.93 -70.45 -73.40
C8 GDP C 1 -67.44 -70.90 -74.57
N7 GDP C 1 -67.25 -72.25 -74.53
C5 GDP C 1 -67.61 -72.67 -73.31
C6 GDP C 1 -67.65 -73.97 -72.60
O6 GDP C 1 -67.30 -75.03 -73.16
N1 GDP C 1 -68.09 -73.98 -71.33
C2 GDP C 1 -68.47 -72.85 -70.69
N2 GDP C 1 -68.90 -72.94 -69.42
N3 GDP C 1 -68.46 -71.64 -71.28
C4 GDP C 1 -68.05 -71.49 -72.56
MG MG D . -15.41 -29.35 -25.54
K K E . -22.87 -37.42 -46.28
O18 2ZZ F . -20.26 -35.26 -43.53
C15 2ZZ F . -20.15 -34.21 -44.26
N14 2ZZ F . -19.06 -33.85 -44.91
C16 2ZZ F . -17.76 -34.58 -44.95
C13 2ZZ F . -19.37 -32.69 -45.54
C17 2ZZ F . -18.39 -31.93 -46.41
C11 2ZZ F . -21.21 -33.22 -44.47
N12 2ZZ F . -20.67 -32.29 -45.29
C10 2ZZ F . -22.59 -33.24 -43.91
C2 2ZZ F . -23.66 -32.23 -44.12
C1 2ZZ F . -24.87 -32.50 -43.48
C6 2ZZ F . -25.96 -31.66 -43.59
C5 2ZZ F . -25.85 -30.44 -44.42
C4 2ZZ F . -24.56 -30.19 -45.09
BR7 2ZZ F . -24.32 -28.62 -46.20
C3 2ZZ F . -23.51 -31.10 -44.92
#